data_4EVM
#
_entry.id   4EVM
#
_cell.length_a   63.247
_cell.length_b   63.247
_cell.length_c   89.872
_cell.angle_alpha   90.00
_cell.angle_beta   90.00
_cell.angle_gamma   90.00
#
_symmetry.space_group_name_H-M   'P 43 21 2'
#
loop_
_entity.id
_entity.type
_entity.pdbx_description
1 polymer 'Thioredoxin family protein'
2 water water
#
_entity_poly.entity_id   1
_entity_poly.type   'polypeptide(L)'
_entity_poly.pdbx_seq_one_letter_code
;EVADFELMGVDGKTYRLSDYKGKKVYLKFWASWCSICLASLPDTDEIAKEAGDDYVVLTVVSPGHKGEQSEADFKNWYKG
LDYKNLPVLVDPSGKLLETYGVRSYPTQAFIDKEGKLVKTHPGFMEKDAILQTLKELA
;
_entity_poly.pdbx_strand_id   A
#
# COMPACT_ATOMS: atom_id res chain seq x y z
N GLU A 1 -13.24 -5.90 11.60
CA GLU A 1 -13.78 -5.56 10.29
C GLU A 1 -13.53 -4.10 9.94
N VAL A 2 -12.68 -3.85 8.95
CA VAL A 2 -12.39 -2.47 8.58
C VAL A 2 -13.44 -1.88 7.63
N ALA A 3 -13.54 -0.56 7.63
CA ALA A 3 -14.51 0.13 6.78
C ALA A 3 -14.07 0.09 5.31
N ASP A 4 -15.04 0.19 4.40
CA ASP A 4 -14.71 0.26 2.99
C ASP A 4 -13.96 1.56 2.67
N PHE A 5 -13.20 1.55 1.59
CA PHE A 5 -12.69 2.81 1.07
C PHE A 5 -12.79 2.84 -0.44
N GLU A 6 -12.78 4.05 -0.97
N GLU A 6 -12.81 4.06 -0.98
CA GLU A 6 -12.78 4.24 -2.40
CA GLU A 6 -12.82 4.27 -2.42
C GLU A 6 -11.77 5.31 -2.75
C GLU A 6 -11.77 5.32 -2.75
N LEU A 7 -10.72 4.92 -3.45
CA LEU A 7 -9.62 5.86 -3.76
C LEU A 7 -9.19 5.73 -5.20
N MET A 8 -8.76 6.83 -5.82
CA MET A 8 -8.27 6.75 -7.18
C MET A 8 -6.75 6.51 -7.12
N GLY A 9 -6.25 5.69 -8.04
CA GLY A 9 -4.81 5.48 -8.16
C GLY A 9 -4.16 6.49 -9.09
N VAL A 10 -2.82 6.51 -9.08
CA VAL A 10 -2.12 7.37 -10.04
CA VAL A 10 -2.07 7.32 -10.03
C VAL A 10 -2.43 6.95 -11.48
N ASP A 11 -2.85 5.69 -11.67
CA ASP A 11 -3.25 5.13 -12.95
C ASP A 11 -4.68 5.59 -13.38
N GLY A 12 -5.36 6.37 -12.52
CA GLY A 12 -6.72 6.82 -12.86
C GLY A 12 -7.82 5.82 -12.51
N LYS A 13 -7.43 4.61 -12.10
CA LYS A 13 -8.45 3.60 -11.78
C LYS A 13 -8.98 3.87 -10.38
N THR A 14 -10.27 3.58 -10.18
CA THR A 14 -10.85 3.73 -8.85
C THR A 14 -10.85 2.35 -8.15
N TYR A 15 -10.28 2.32 -6.95
CA TYR A 15 -10.10 1.08 -6.18
C TYR A 15 -11.04 1.14 -4.98
N ARG A 16 -11.72 0.03 -4.74
CA ARG A 16 -12.64 -0.08 -3.62
CA ARG A 16 -12.61 -0.08 -3.61
C ARG A 16 -12.21 -1.33 -2.84
N LEU A 17 -11.97 -1.18 -1.54
CA LEU A 17 -11.59 -2.34 -0.72
C LEU A 17 -12.59 -3.51 -0.83
N SER A 18 -13.89 -3.19 -0.89
CA SER A 18 -14.90 -4.22 -1.00
C SER A 18 -14.83 -5.02 -2.30
N ASP A 19 -14.12 -4.52 -3.32
CA ASP A 19 -13.90 -5.32 -4.54
C ASP A 19 -13.17 -6.61 -4.20
N TYR A 20 -12.43 -6.63 -3.09
CA TYR A 20 -11.58 -7.75 -2.76
C TYR A 20 -12.11 -8.69 -1.68
N LYS A 21 -13.39 -8.58 -1.32
CA LYS A 21 -14.00 -9.55 -0.40
C LYS A 21 -13.76 -10.95 -0.90
N GLY A 22 -13.31 -11.83 -0.01
CA GLY A 22 -13.01 -13.20 -0.40
C GLY A 22 -11.54 -13.46 -0.69
N LYS A 23 -10.75 -12.37 -0.77
CA LYS A 23 -9.29 -12.49 -0.94
C LYS A 23 -8.56 -11.78 0.17
N LYS A 24 -7.34 -12.23 0.42
CA LYS A 24 -6.43 -11.58 1.36
C LYS A 24 -5.86 -10.31 0.72
N VAL A 25 -5.62 -9.27 1.51
CA VAL A 25 -5.06 -8.02 0.99
C VAL A 25 -3.81 -7.63 1.77
N TYR A 26 -2.75 -7.30 1.04
CA TYR A 26 -1.56 -6.68 1.60
C TYR A 26 -1.58 -5.23 1.16
N LEU A 27 -1.60 -4.33 2.13
CA LEU A 27 -1.60 -2.88 1.90
CA LEU A 27 -1.60 -2.90 1.86
C LEU A 27 -0.29 -2.32 2.40
N LYS A 28 0.44 -1.60 1.57
CA LYS A 28 1.66 -0.94 2.01
C LYS A 28 1.45 0.57 2.03
N PHE A 29 1.62 1.17 3.21
CA PHE A 29 1.59 2.63 3.32
C PHE A 29 2.99 3.17 3.20
N TRP A 30 3.16 4.19 2.35
CA TRP A 30 4.50 4.78 2.17
C TRP A 30 4.43 6.26 1.82
N ALA A 31 5.61 6.89 1.71
CA ALA A 31 5.67 8.28 1.23
C ALA A 31 6.90 8.48 0.37
N SER A 32 6.85 9.51 -0.47
CA SER A 32 7.91 9.77 -1.44
C SER A 32 9.26 10.09 -0.82
N TRP A 33 9.25 10.63 0.39
CA TRP A 33 10.48 11.05 1.06
C TRP A 33 11.17 9.94 1.84
N CYS A 34 10.51 8.78 1.96
CA CYS A 34 10.97 7.68 2.82
CA CYS A 34 11.08 7.76 2.84
C CYS A 34 11.97 6.81 2.07
N SER A 35 13.27 6.90 2.37
CA SER A 35 14.27 6.18 1.59
CA SER A 35 14.29 6.16 1.62
C SER A 35 14.07 4.66 1.69
N ILE A 36 13.72 4.14 2.87
CA ILE A 36 13.55 2.68 2.98
CA ILE A 36 13.47 2.70 3.06
C ILE A 36 12.34 2.26 2.16
N CYS A 37 11.30 3.08 2.10
CA CYS A 37 10.13 2.80 1.24
C CYS A 37 10.55 2.70 -0.20
N LEU A 38 11.31 3.70 -0.66
CA LEU A 38 11.70 3.69 -2.07
C LEU A 38 12.58 2.49 -2.38
N ALA A 39 13.47 2.11 -1.45
CA ALA A 39 14.36 0.98 -1.65
C ALA A 39 13.63 -0.37 -1.69
N SER A 40 12.45 -0.43 -1.09
CA SER A 40 11.69 -1.67 -0.97
CA SER A 40 11.74 -1.70 -1.02
C SER A 40 10.64 -1.84 -2.04
N LEU A 41 10.29 -0.76 -2.74
CA LEU A 41 9.25 -0.87 -3.76
C LEU A 41 9.53 -1.94 -4.84
N PRO A 42 10.82 -2.20 -5.20
CA PRO A 42 10.99 -3.26 -6.19
C PRO A 42 10.47 -4.61 -5.67
N ASP A 43 10.62 -4.82 -4.37
N ASP A 43 10.62 -4.82 -4.37
CA ASP A 43 10.11 -6.06 -3.76
CA ASP A 43 10.12 -6.06 -3.76
C ASP A 43 8.59 -6.08 -3.70
C ASP A 43 8.59 -6.08 -3.70
N THR A 44 7.98 -4.92 -3.40
CA THR A 44 6.52 -4.82 -3.36
C THR A 44 5.99 -5.08 -4.75
N ASP A 45 6.67 -4.56 -5.76
CA ASP A 45 6.24 -4.80 -7.14
C ASP A 45 6.30 -6.28 -7.53
N GLU A 46 7.35 -6.97 -7.08
N GLU A 46 7.34 -6.99 -7.08
CA GLU A 46 7.49 -8.40 -7.33
CA GLU A 46 7.45 -8.41 -7.37
C GLU A 46 6.35 -9.17 -6.66
C GLU A 46 6.38 -9.21 -6.64
N ILE A 47 6.04 -8.79 -5.42
CA ILE A 47 4.99 -9.47 -4.65
C ILE A 47 3.66 -9.33 -5.39
N ALA A 48 3.41 -8.12 -5.90
CA ALA A 48 2.21 -7.85 -6.71
C ALA A 48 2.19 -8.65 -8.01
N LYS A 49 3.32 -8.72 -8.70
CA LYS A 49 3.40 -9.42 -9.99
C LYS A 49 3.12 -10.90 -9.81
N GLU A 50 3.55 -11.47 -8.69
CA GLU A 50 3.42 -12.91 -8.45
C GLU A 50 2.14 -13.31 -7.74
N ALA A 51 1.27 -12.34 -7.46
CA ALA A 51 0.04 -12.62 -6.69
C ALA A 51 -0.84 -13.73 -7.23
N GLY A 52 -0.96 -13.83 -8.55
CA GLY A 52 -1.89 -14.81 -9.12
C GLY A 52 -3.26 -14.58 -8.51
N ASP A 53 -3.88 -15.67 -8.05
CA ASP A 53 -5.18 -15.61 -7.38
C ASP A 53 -5.09 -15.69 -5.86
N ASP A 54 -3.88 -15.66 -5.32
CA ASP A 54 -3.67 -15.92 -3.89
C ASP A 54 -3.98 -14.71 -2.95
N TYR A 55 -3.72 -13.50 -3.42
CA TYR A 55 -3.90 -12.31 -2.60
C TYR A 55 -3.92 -11.12 -3.55
N VAL A 56 -4.17 -9.94 -2.99
CA VAL A 56 -4.16 -8.67 -3.71
C VAL A 56 -3.16 -7.73 -3.04
N VAL A 57 -2.44 -6.94 -3.83
CA VAL A 57 -1.51 -5.94 -3.31
C VAL A 57 -1.98 -4.55 -3.67
N LEU A 58 -2.04 -3.68 -2.67
CA LEU A 58 -2.34 -2.25 -2.88
C LEU A 58 -1.32 -1.44 -2.14
N THR A 59 -0.95 -0.27 -2.66
CA THR A 59 -0.17 0.65 -1.87
C THR A 59 -0.87 2.01 -1.75
N VAL A 60 -0.57 2.76 -0.68
CA VAL A 60 -1.27 4.00 -0.39
C VAL A 60 -0.31 5.12 -0.02
N VAL A 61 -0.43 6.26 -0.73
CA VAL A 61 0.26 7.50 -0.33
C VAL A 61 -0.82 8.49 0.04
N SER A 62 -0.41 9.48 0.87
CA SER A 62 -1.38 10.40 1.47
C SER A 62 -0.96 11.84 1.29
N PRO A 63 -1.20 12.42 0.10
CA PRO A 63 -0.74 13.79 -0.17
C PRO A 63 -1.20 14.79 0.87
N GLY A 64 -0.27 15.65 1.29
CA GLY A 64 -0.60 16.71 2.27
C GLY A 64 -0.52 16.27 3.72
N HIS A 65 -0.21 14.98 3.94
CA HIS A 65 -0.16 14.41 5.28
C HIS A 65 1.22 13.81 5.54
N LYS A 66 1.69 13.88 6.78
CA LYS A 66 2.99 13.33 7.16
CA LYS A 66 2.99 13.32 7.15
C LYS A 66 4.11 13.79 6.22
N GLY A 67 4.05 15.04 5.80
CA GLY A 67 5.11 15.55 4.97
C GLY A 67 5.09 15.21 3.51
N GLU A 68 4.04 14.52 3.05
CA GLU A 68 3.97 14.17 1.64
C GLU A 68 3.69 15.41 0.77
N GLN A 69 4.15 15.32 -0.49
CA GLN A 69 3.84 16.34 -1.51
C GLN A 69 2.35 16.48 -1.75
N SER A 70 1.93 17.56 -2.41
CA SER A 70 0.54 17.69 -2.82
C SER A 70 0.23 16.63 -3.84
N GLU A 71 -1.04 16.41 -4.10
CA GLU A 71 -1.43 15.37 -5.03
C GLU A 71 -0.85 15.64 -6.43
N ALA A 72 -0.95 16.87 -6.93
CA ALA A 72 -0.45 17.13 -8.26
C ALA A 72 1.07 16.97 -8.35
N ASP A 73 1.80 17.41 -7.33
CA ASP A 73 3.25 17.26 -7.34
C ASP A 73 3.65 15.79 -7.22
N PHE A 74 2.92 15.05 -6.41
CA PHE A 74 3.21 13.62 -6.25
C PHE A 74 3.04 12.89 -7.57
N LYS A 75 1.96 13.16 -8.28
CA LYS A 75 1.73 12.47 -9.55
C LYS A 75 2.82 12.75 -10.57
N ASN A 76 3.29 14.00 -10.65
CA ASN A 76 4.41 14.30 -11.54
C ASN A 76 5.68 13.56 -11.08
N TRP A 77 6.02 13.67 -9.80
CA TRP A 77 7.20 13.03 -9.23
C TRP A 77 7.20 11.51 -9.46
N TYR A 78 6.03 10.88 -9.38
CA TYR A 78 5.98 9.42 -9.50
C TYR A 78 6.30 8.95 -10.93
N LYS A 79 6.20 9.82 -11.93
CA LYS A 79 6.58 9.46 -13.32
C LYS A 79 8.05 9.12 -13.43
N GLY A 80 8.85 9.51 -12.44
CA GLY A 80 10.27 9.14 -12.49
C GLY A 80 10.51 7.73 -11.95
N LEU A 81 9.46 7.08 -11.45
CA LEU A 81 9.59 5.72 -10.90
CA LEU A 81 9.60 5.72 -10.91
C LEU A 81 9.06 4.71 -11.90
N ASP A 82 9.45 3.45 -11.73
CA ASP A 82 9.12 2.43 -12.73
C ASP A 82 8.69 1.15 -12.02
N TYR A 83 7.39 1.05 -11.71
CA TYR A 83 6.84 -0.16 -11.07
C TYR A 83 5.59 -0.58 -11.85
N LYS A 84 5.74 -1.58 -12.68
CA LYS A 84 4.69 -1.93 -13.64
C LYS A 84 3.51 -2.62 -12.97
N ASN A 85 3.71 -3.14 -11.77
CA ASN A 85 2.68 -4.00 -11.17
C ASN A 85 2.08 -3.45 -9.90
N LEU A 86 2.43 -2.21 -9.53
N LEU A 86 2.41 -2.20 -9.55
CA LEU A 86 2.04 -1.66 -8.25
CA LEU A 86 2.05 -1.65 -8.24
C LEU A 86 0.93 -0.61 -8.32
C LEU A 86 0.94 -0.59 -8.30
N PRO A 87 -0.26 -0.90 -7.75
CA PRO A 87 -1.25 0.16 -7.58
C PRO A 87 -0.77 1.17 -6.54
N VAL A 88 -0.87 2.46 -6.84
CA VAL A 88 -0.52 3.56 -5.94
C VAL A 88 -1.76 4.43 -5.74
N LEU A 89 -2.47 4.13 -4.65
CA LEU A 89 -3.73 4.80 -4.34
C LEU A 89 -3.40 6.08 -3.62
N VAL A 90 -4.12 7.14 -3.99
CA VAL A 90 -3.89 8.46 -3.43
CA VAL A 90 -3.85 8.45 -3.35
C VAL A 90 -5.00 8.84 -2.45
N ASP A 91 -4.62 9.15 -1.20
CA ASP A 91 -5.63 9.58 -0.19
C ASP A 91 -5.26 10.94 0.43
N PRO A 92 -5.67 12.03 -0.22
CA PRO A 92 -5.31 13.35 0.30
C PRO A 92 -6.08 13.68 1.60
N SER A 93 -6.99 12.80 2.03
CA SER A 93 -7.73 13.08 3.26
C SER A 93 -6.96 12.62 4.49
N GLY A 94 -6.02 11.71 4.32
CA GLY A 94 -5.28 11.17 5.45
C GLY A 94 -6.08 10.21 6.32
N LYS A 95 -7.28 9.85 5.91
N LYS A 95 -7.29 9.87 5.89
CA LYS A 95 -8.13 9.02 6.75
CA LYS A 95 -8.19 9.02 6.67
C LYS A 95 -7.68 7.58 6.91
C LYS A 95 -7.69 7.60 6.88
N LEU A 96 -7.19 6.96 5.83
CA LEU A 96 -6.69 5.59 5.97
CA LEU A 96 -6.70 5.58 5.98
C LEU A 96 -5.56 5.51 6.98
N LEU A 97 -4.67 6.51 6.98
CA LEU A 97 -3.60 6.52 7.99
C LEU A 97 -4.19 6.35 9.38
N GLU A 98 -5.26 7.08 9.64
CA GLU A 98 -5.88 7.07 10.95
C GLU A 98 -6.52 5.72 11.25
N THR A 99 -7.22 5.15 10.27
CA THR A 99 -7.99 3.95 10.55
C THR A 99 -7.08 2.74 10.73
N TYR A 100 -5.91 2.73 10.07
CA TYR A 100 -4.94 1.61 10.18
C TYR A 100 -3.87 1.86 11.25
N GLY A 101 -3.98 2.97 11.96
CA GLY A 101 -3.07 3.32 13.04
C GLY A 101 -1.62 3.48 12.56
N VAL A 102 -1.45 4.08 11.39
CA VAL A 102 -0.13 4.21 10.82
C VAL A 102 0.63 5.35 11.47
N ARG A 103 1.82 5.06 12.01
CA ARG A 103 2.58 6.07 12.74
C ARG A 103 3.96 6.34 12.16
N SER A 104 4.40 5.48 11.24
CA SER A 104 5.71 5.64 10.62
C SER A 104 5.60 4.93 9.28
N TYR A 105 6.62 5.11 8.44
CA TYR A 105 6.65 4.52 7.13
C TYR A 105 7.92 3.69 6.95
N PRO A 106 7.83 2.61 6.16
CA PRO A 106 6.58 2.06 5.62
C PRO A 106 5.79 1.42 6.75
N THR A 107 4.51 1.21 6.52
CA THR A 107 3.72 0.32 7.38
C THR A 107 3.05 -0.71 6.48
N GLN A 108 3.19 -1.99 6.84
CA GLN A 108 2.57 -3.12 6.16
C GLN A 108 1.27 -3.43 6.89
N ALA A 109 0.20 -3.60 6.13
CA ALA A 109 -1.09 -4.00 6.69
C ALA A 109 -1.61 -5.26 6.01
N PHE A 110 -2.21 -6.15 6.78
CA PHE A 110 -2.70 -7.42 6.29
C PHE A 110 -4.15 -7.57 6.66
N ILE A 111 -4.99 -7.75 5.64
CA ILE A 111 -6.43 -7.87 5.78
C ILE A 111 -6.90 -9.24 5.29
N ASP A 112 -7.77 -9.87 6.06
CA ASP A 112 -8.21 -11.22 5.74
C ASP A 112 -9.32 -11.23 4.68
N LYS A 113 -9.77 -12.43 4.32
CA LYS A 113 -10.76 -12.59 3.26
C LYS A 113 -12.11 -12.07 3.72
N GLU A 114 -12.32 -12.19 5.03
CA GLU A 114 -13.57 -11.74 5.63
C GLU A 114 -13.54 -10.23 5.77
N GLY A 115 -12.35 -9.65 5.66
CA GLY A 115 -12.20 -8.20 5.62
C GLY A 115 -11.72 -7.58 6.93
N LYS A 116 -11.29 -8.42 7.87
CA LYS A 116 -10.78 -7.92 9.15
C LYS A 116 -9.29 -7.54 9.02
N LEU A 117 -8.90 -6.39 9.57
CA LEU A 117 -7.48 -6.09 9.74
C LEU A 117 -6.93 -7.11 10.72
N VAL A 118 -5.92 -7.87 10.29
CA VAL A 118 -5.29 -8.94 11.08
C VAL A 118 -4.01 -8.42 11.76
N LYS A 119 -3.23 -7.63 11.02
CA LYS A 119 -1.87 -7.29 11.47
C LYS A 119 -1.42 -6.01 10.82
N THR A 120 -0.69 -5.18 11.57
CA THR A 120 0.12 -4.11 10.99
C THR A 120 1.54 -4.29 11.45
N HIS A 121 2.47 -3.89 10.62
CA HIS A 121 3.87 -3.96 10.99
C HIS A 121 4.53 -2.67 10.55
N PRO A 122 4.99 -1.87 11.53
CA PRO A 122 5.74 -0.65 11.18
C PRO A 122 7.15 -1.02 10.76
N GLY A 123 7.57 -0.52 9.61
CA GLY A 123 8.94 -0.65 9.19
C GLY A 123 9.10 -1.68 8.09
N PHE A 124 10.33 -1.81 7.68
CA PHE A 124 10.74 -2.76 6.67
C PHE A 124 10.30 -4.19 7.04
N MET A 125 9.79 -4.91 6.04
CA MET A 125 9.52 -6.33 6.15
CA MET A 125 9.56 -6.34 6.17
C MET A 125 10.13 -7.05 4.94
N GLU A 126 10.91 -8.09 5.18
CA GLU A 126 11.52 -8.83 4.09
CA GLU A 126 11.53 -8.86 4.11
C GLU A 126 10.43 -9.48 3.22
N LYS A 127 10.70 -9.59 1.93
CA LYS A 127 9.73 -10.16 0.99
C LYS A 127 9.19 -11.51 1.42
N ASP A 128 10.05 -12.45 1.80
CA ASP A 128 9.56 -13.79 2.13
C ASP A 128 8.70 -13.77 3.41
N ALA A 129 9.00 -12.82 4.31
CA ALA A 129 8.20 -12.67 5.52
C ALA A 129 6.79 -12.14 5.21
N ILE A 130 6.67 -11.22 4.24
CA ILE A 130 5.37 -10.72 3.82
C ILE A 130 4.55 -11.88 3.22
N LEU A 131 5.20 -12.67 2.36
CA LEU A 131 4.53 -13.81 1.73
C LEU A 131 4.10 -14.86 2.76
N GLN A 132 4.94 -15.15 3.75
CA GLN A 132 4.58 -16.12 4.79
C GLN A 132 3.43 -15.59 5.64
N THR A 133 3.44 -14.28 5.93
CA THR A 133 2.36 -13.68 6.72
C THR A 133 1.04 -13.87 5.98
N LEU A 134 1.05 -13.61 4.68
CA LEU A 134 -0.14 -13.85 3.86
C LEU A 134 -0.60 -15.31 3.90
N LYS A 135 0.34 -16.25 3.88
CA LYS A 135 -0.04 -17.66 3.96
C LYS A 135 -0.76 -18.00 5.28
N GLU A 136 -0.38 -17.29 6.34
CA GLU A 136 -0.93 -17.64 7.66
C GLU A 136 -2.36 -17.11 7.83
N LEU A 137 -2.77 -16.20 6.94
CA LEU A 137 -4.17 -15.76 6.91
C LEU A 137 -5.04 -16.88 6.31
N ALA A 138 -6.29 -17.00 6.76
CA ALA A 138 -7.17 -18.03 6.22
C ALA A 138 -7.56 -17.82 4.75
#